data_4RLO
#
_entry.id   4RLO
#
_cell.length_a   78.515
_cell.length_b   62.882
_cell.length_c   86.718
_cell.angle_alpha   90.00
_cell.angle_beta   94.02
_cell.angle_gamma   90.00
#
_symmetry.space_group_name_H-M   'P 1 21 1'
#
loop_
_entity.id
_entity.type
_entity.pdbx_description
1 polymer 'Ribosomal protein S6 kinase beta-1'
2 non-polymer "[(amino-kappaN)methanethiolato](3-fluoro-9-hydroxypyrido[2,3-a]pyrrolo[3,4-c]carbazole-5,7(6H,12H)-dionato-kappa~2~N,N')(1,4,7-trithionane-kappa~3~S~1~,S~4~,S~7~)ruthenium"
3 non-polymer GLYCEROL
4 non-polymer 'CHLORIDE ION'
5 non-polymer 'SULFATE ION'
6 non-polymer STAUROSPORINE
7 non-polymer 'DIMETHYL SULFOXIDE'
8 water water
#
_entity_poly.entity_id   1
_entity_poly.type   'polypeptide(L)'
_entity_poly.pdbx_seq_one_letter_code
;KIRPECFELLRVLGKGGYGKVFQVRKVTGANTGKIFAMKVLKKAMIVRNAKDTAHTKAERNILEEVKHPFIVDLIYAFQT
GGKLYLILEYLSGGELFMQLEREGIFMEDTACFYLAEISMALGHLHQKGIIYRDLKPENIMLNHQGHVKLTDFGLCKESI
HDGTVTHTFCGTIEYMAPEILMRSGHNRAVDWWSLGALMYDMLTGAPPFTGENRKKTIDKILKCKLNLPPYLTQEARDLL
KKLLKRNAASRLGAGPGDAGEVQAHPFFRHINWEELLARKVEPPFKPL
;
_entity_poly.pdbx_strand_id   A,B
#
loop_
_chem_comp.id
_chem_comp.type
_chem_comp.name
_chem_comp.formula
3T3 non-polymer [(amino-kappaN)methanethiolato](3-fluoro-9-hydroxypyrido[2,3-a]pyrrolo[3,4-c]carbazole-5,7(6H,12H)-dionato-kappa~2~N,N')(1,4,7-trithionane-kappa~3~S~1~,S~4~,S~7~)ruthenium 'C24 H22 F N4 O3 Ru S4'
CL non-polymer 'CHLORIDE ION' 'Cl -1'
DMS non-polymer 'DIMETHYL SULFOXIDE' 'C2 H6 O S'
GOL non-polymer GLYCEROL 'C3 H8 O3'
SO4 non-polymer 'SULFATE ION' 'O4 S -2'
STU non-polymer STAUROSPORINE 'C28 H26 N4 O3'
#
# COMPACT_ATOMS: atom_id res chain seq x y z
N LYS A 1 14.29 -16.73 -37.44
CA LYS A 1 14.95 -18.02 -37.34
C LYS A 1 14.08 -19.00 -36.60
N ILE A 2 12.88 -18.59 -36.28
CA ILE A 2 12.10 -19.32 -35.30
C ILE A 2 10.69 -18.80 -35.41
N ARG A 3 9.72 -19.71 -35.41
CA ARG A 3 8.34 -19.28 -35.61
C ARG A 3 7.32 -20.27 -35.07
N PRO A 4 6.06 -19.86 -35.09
CA PRO A 4 4.99 -20.72 -34.57
C PRO A 4 4.99 -22.10 -35.21
N GLU A 5 5.39 -22.16 -36.49
CA GLU A 5 5.35 -23.42 -37.23
C GLU A 5 6.52 -24.31 -36.85
N CYS A 6 7.42 -23.80 -36.02
CA CYS A 6 8.50 -24.60 -35.49
C CYS A 6 8.01 -25.51 -34.39
N PHE A 7 6.76 -25.33 -33.98
CA PHE A 7 6.23 -26.09 -32.88
C PHE A 7 4.92 -26.76 -33.23
N GLU A 8 4.78 -27.99 -32.74
CA GLU A 8 3.57 -28.76 -32.93
C GLU A 8 2.71 -28.73 -31.66
N LEU A 9 1.47 -28.30 -31.81
CA LEU A 9 0.55 -28.25 -30.68
C LEU A 9 0.15 -29.64 -30.26
N LEU A 10 0.32 -29.96 -29.01
CA LEU A 10 -0.03 -31.25 -28.51
C LEU A 10 -1.28 -31.20 -27.68
N ARG A 11 -1.41 -30.17 -26.89
CA ARG A 11 -2.62 -29.98 -26.11
C ARG A 11 -2.55 -28.72 -25.29
N VAL A 12 -3.69 -28.29 -24.76
CA VAL A 12 -3.71 -27.17 -23.87
C VAL A 12 -3.52 -27.63 -22.44
N LEU A 13 -2.57 -27.02 -21.78
CA LEU A 13 -2.26 -27.30 -20.38
C LEU A 13 -3.21 -26.53 -19.48
N GLY A 14 -3.61 -25.39 -19.99
CA GLY A 14 -4.54 -24.55 -19.32
C GLY A 14 -4.75 -23.24 -20.00
N LYS A 15 -5.76 -22.52 -19.52
CA LYS A 15 -6.04 -21.19 -19.99
C LYS A 15 -5.99 -20.27 -18.79
N GLY A 16 -4.83 -19.68 -18.54
CA GLY A 16 -4.70 -18.78 -17.43
C GLY A 16 -5.10 -17.38 -17.85
N GLY A 17 -5.29 -16.50 -16.90
CA GLY A 17 -5.65 -15.13 -17.19
C GLY A 17 -4.70 -14.58 -18.24
N TYR A 18 -5.26 -14.05 -19.31
CA TYR A 18 -4.45 -13.53 -20.40
C TYR A 18 -4.50 -14.43 -21.62
N GLY A 19 -3.58 -15.40 -21.67
CA GLY A 19 -3.45 -16.25 -22.83
C GLY A 19 -3.56 -17.74 -22.53
N LYS A 20 -3.26 -18.56 -23.54
CA LYS A 20 -3.29 -20.02 -23.39
C LYS A 20 -1.87 -20.57 -23.27
N VAL A 21 -1.74 -21.75 -22.66
CA VAL A 21 -0.47 -22.44 -22.61
C VAL A 21 -0.62 -23.84 -23.15
N PHE A 22 0.06 -24.11 -24.27
CA PHE A 22 0.02 -25.42 -24.91
C PHE A 22 1.23 -26.26 -24.54
N GLN A 23 1.05 -27.57 -24.46
CA GLN A 23 2.17 -28.48 -24.57
C GLN A 23 2.50 -28.53 -26.06
N VAL A 24 3.77 -28.51 -26.39
CA VAL A 24 4.18 -28.51 -27.78
C VAL A 24 5.36 -29.42 -27.97
N ARG A 25 5.53 -29.89 -29.20
CA ARG A 25 6.72 -30.62 -29.60
C ARG A 25 7.47 -29.74 -30.59
N LYS A 26 8.77 -29.59 -30.41
CA LYS A 26 9.57 -28.87 -31.40
C LYS A 26 9.91 -29.79 -32.58
N VAL A 27 9.54 -29.35 -33.78
CA VAL A 27 9.67 -30.18 -34.97
C VAL A 27 10.91 -29.92 -35.83
N THR A 28 11.59 -28.80 -35.61
CA THR A 28 12.80 -28.50 -36.35
C THR A 28 13.93 -28.18 -35.40
N GLY A 29 15.13 -27.99 -35.95
CA GLY A 29 16.29 -27.67 -35.14
C GLY A 29 16.91 -28.91 -34.53
N ALA A 30 17.87 -28.70 -33.64
CA ALA A 30 18.56 -29.80 -32.99
C ALA A 30 17.70 -30.37 -31.88
N ASN A 31 16.83 -29.54 -31.34
CA ASN A 31 15.93 -29.97 -30.29
C ASN A 31 14.66 -30.57 -30.85
N THR A 32 14.75 -31.14 -32.04
CA THR A 32 13.59 -31.70 -32.70
C THR A 32 13.14 -32.94 -31.94
N GLY A 33 11.84 -32.98 -31.65
CA GLY A 33 11.29 -34.06 -30.85
C GLY A 33 11.12 -33.67 -29.39
N LYS A 34 11.63 -32.51 -29.02
CA LYS A 34 11.63 -32.08 -27.63
C LYS A 34 10.34 -31.44 -27.19
N ILE A 35 9.88 -31.77 -26.01
CA ILE A 35 8.62 -31.23 -25.49
C ILE A 35 8.85 -29.99 -24.63
N PHE A 36 8.07 -28.95 -24.94
CA PHE A 36 8.11 -27.69 -24.19
C PHE A 36 6.69 -27.29 -23.83
N ALA A 37 6.55 -26.17 -23.11
CA ALA A 37 5.29 -25.48 -22.98
C ALA A 37 5.41 -24.21 -23.80
N MET A 38 4.30 -23.69 -24.29
CA MET A 38 4.33 -22.49 -25.11
C MET A 38 3.18 -21.61 -24.69
N LYS A 39 3.49 -20.43 -24.16
CA LYS A 39 2.47 -19.50 -23.72
C LYS A 39 2.20 -18.50 -24.81
N VAL A 40 0.94 -18.15 -24.99
CA VAL A 40 0.52 -17.34 -26.12
C VAL A 40 -0.36 -16.17 -25.67
N LEU A 41 0.07 -14.96 -26.02
CA LEU A 41 -0.60 -13.74 -25.58
C LEU A 41 -0.94 -12.85 -26.77
N LYS A 42 -2.17 -12.36 -26.82
CA LYS A 42 -2.62 -11.46 -27.88
C LYS A 42 -2.27 -10.01 -27.58
N LYS A 57 5.67 -4.64 -14.89
CA LYS A 57 6.72 -5.20 -15.73
C LYS A 57 6.32 -6.57 -16.29
N ALA A 58 6.77 -6.85 -17.52
CA ALA A 58 6.24 -7.97 -18.32
C ALA A 58 6.91 -9.31 -18.05
N GLU A 59 6.19 -10.38 -18.38
CA GLU A 59 6.63 -11.74 -18.10
C GLU A 59 7.92 -12.13 -18.83
N ARG A 60 8.10 -11.64 -20.03
CA ARG A 60 9.26 -12.03 -20.80
C ARG A 60 10.50 -11.46 -20.27
N ASN A 61 10.42 -10.21 -19.89
CA ASN A 61 11.56 -9.50 -19.33
C ASN A 61 12.03 -10.19 -18.05
N ILE A 62 11.09 -10.38 -17.13
CA ILE A 62 11.37 -11.02 -15.86
C ILE A 62 12.03 -12.39 -16.06
N LEU A 63 11.45 -13.18 -16.94
CA LEU A 63 11.86 -14.58 -17.11
C LEU A 63 13.19 -14.71 -17.84
N GLU A 64 13.45 -13.75 -18.73
CA GLU A 64 14.75 -13.55 -19.37
C GLU A 64 15.78 -13.39 -18.29
N GLU A 65 15.46 -12.53 -17.34
CA GLU A 65 16.33 -12.15 -16.23
C GLU A 65 16.63 -13.28 -15.26
N VAL A 66 15.60 -13.93 -14.72
CA VAL A 66 15.77 -14.85 -13.60
C VAL A 66 16.14 -16.25 -13.96
N LYS A 67 17.00 -16.82 -13.15
CA LYS A 67 17.55 -18.10 -13.47
C LYS A 67 17.77 -18.96 -12.25
N HIS A 68 16.70 -19.60 -11.77
CA HIS A 68 16.77 -20.34 -10.52
C HIS A 68 16.30 -21.75 -10.65
N PRO A 69 16.99 -22.66 -9.96
CA PRO A 69 16.56 -24.06 -9.88
C PRO A 69 15.06 -24.18 -9.66
N PHE A 70 14.48 -23.23 -8.95
CA PHE A 70 13.08 -23.34 -8.52
C PHE A 70 12.17 -22.37 -9.25
N ILE A 71 12.61 -21.91 -10.42
CA ILE A 71 11.77 -21.09 -11.28
C ILE A 71 11.81 -21.62 -12.72
N VAL A 72 10.64 -21.65 -13.35
CA VAL A 72 10.51 -22.18 -14.70
C VAL A 72 11.42 -21.41 -15.65
N ASP A 73 12.18 -22.15 -16.45
CA ASP A 73 13.16 -21.56 -17.36
C ASP A 73 12.54 -21.15 -18.68
N LEU A 74 13.12 -20.13 -19.30
CA LEU A 74 12.71 -19.67 -20.61
C LEU A 74 13.74 -20.12 -21.63
N ILE A 75 13.28 -20.47 -22.83
CA ILE A 75 14.13 -21.11 -23.84
C ILE A 75 14.13 -20.28 -25.11
N TYR A 76 12.95 -19.89 -25.57
CA TYR A 76 12.83 -19.01 -26.74
C TYR A 76 11.70 -18.02 -26.50
N ALA A 77 11.73 -16.92 -27.24
CA ALA A 77 10.64 -15.96 -27.23
C ALA A 77 10.60 -15.23 -28.57
N PHE A 78 9.40 -14.95 -29.05
CA PHE A 78 9.24 -14.32 -30.36
C PHE A 78 7.80 -13.93 -30.60
N GLN A 79 7.57 -13.03 -31.57
CA GLN A 79 6.25 -12.49 -31.86
C GLN A 79 5.63 -12.71 -33.28
N THR A 80 4.36 -12.37 -33.42
CA THR A 80 3.62 -12.49 -34.67
C THR A 80 3.40 -11.09 -35.27
N LYS A 83 0.17 -13.37 -30.86
CA LYS A 83 1.09 -12.29 -31.18
C LYS A 83 2.44 -12.51 -30.52
N LEU A 84 2.41 -12.95 -29.26
CA LEU A 84 3.63 -13.21 -28.51
C LEU A 84 3.71 -14.67 -28.10
N TYR A 85 4.88 -15.27 -28.30
CA TYR A 85 5.09 -16.66 -27.96
C TYR A 85 6.27 -16.82 -27.01
N LEU A 86 6.05 -17.53 -25.92
CA LEU A 86 7.12 -17.85 -24.97
C LEU A 86 7.29 -19.34 -24.87
N ILE A 87 8.48 -19.84 -25.12
CA ILE A 87 8.72 -21.27 -25.02
C ILE A 87 9.40 -21.55 -23.70
N LEU A 88 8.69 -22.22 -22.80
CA LEU A 88 9.21 -22.54 -21.48
C LEU A 88 9.50 -24.03 -21.37
N GLU A 89 10.25 -24.44 -20.37
CA GLU A 89 10.44 -25.86 -20.14
C GLU A 89 9.09 -26.44 -19.75
N TYR A 90 8.84 -27.69 -20.15
CA TYR A 90 7.61 -28.37 -19.77
C TYR A 90 7.76 -29.04 -18.41
N LEU A 91 6.80 -28.81 -17.52
CA LEU A 91 6.87 -29.33 -16.17
C LEU A 91 5.89 -30.49 -16.04
N SER A 92 6.42 -31.68 -15.84
CA SER A 92 5.60 -32.88 -15.83
C SER A 92 5.03 -33.20 -14.45
N GLY A 93 5.66 -32.67 -13.41
CA GLY A 93 5.25 -32.96 -12.05
C GLY A 93 3.87 -32.44 -11.72
N GLY A 94 3.40 -31.48 -12.50
CA GLY A 94 2.09 -30.90 -12.28
C GLY A 94 2.00 -30.04 -11.04
N GLU A 95 0.75 -29.79 -10.65
CA GLU A 95 0.42 -28.95 -9.51
C GLU A 95 0.76 -29.62 -8.19
N LEU A 96 1.27 -28.83 -7.26
CA LEU A 96 1.68 -29.34 -5.98
C LEU A 96 0.49 -29.67 -5.12
N PHE A 97 -0.52 -28.82 -5.17
CA PHE A 97 -1.64 -28.96 -4.26
C PHE A 97 -2.66 -29.98 -4.74
N MET A 98 -2.47 -30.50 -5.94
CA MET A 98 -3.22 -31.68 -6.35
C MET A 98 -2.68 -32.82 -5.51
N GLN A 99 -1.45 -32.66 -5.05
CA GLN A 99 -0.85 -33.59 -4.11
C GLN A 99 -1.46 -33.40 -2.73
N LEU A 100 -1.80 -32.16 -2.40
CA LEU A 100 -2.40 -31.87 -1.12
C LEU A 100 -3.81 -32.41 -1.11
N GLU A 101 -4.50 -32.26 -2.24
CA GLU A 101 -5.83 -32.83 -2.43
C GLU A 101 -5.86 -34.29 -1.98
N ARG A 102 -4.90 -35.08 -2.44
CA ARG A 102 -4.87 -36.50 -2.14
C ARG A 102 -4.48 -36.77 -0.70
N GLU A 103 -3.42 -36.14 -0.23
CA GLU A 103 -2.98 -36.33 1.14
C GLU A 103 -3.95 -35.75 2.15
N GLY A 104 -4.80 -34.83 1.71
CA GLY A 104 -5.68 -34.11 2.61
C GLY A 104 -4.91 -33.00 3.30
N ILE A 105 -3.87 -33.38 4.05
CA ILE A 105 -2.94 -32.42 4.62
C ILE A 105 -1.53 -33.00 4.60
N PHE A 106 -0.54 -32.13 4.56
CA PHE A 106 0.85 -32.54 4.62
C PHE A 106 1.27 -32.55 6.08
N MET A 107 2.25 -33.33 6.39
CA MET A 107 2.92 -33.17 7.61
C MET A 107 3.98 -32.12 7.64
N GLU A 108 4.37 -31.68 8.81
CA GLU A 108 5.28 -30.54 8.91
C GLU A 108 6.58 -30.73 8.12
N ASP A 109 7.06 -31.96 8.02
CA ASP A 109 8.33 -32.25 7.34
C ASP A 109 8.18 -32.02 5.84
N THR A 110 7.11 -32.60 5.30
CA THR A 110 6.80 -32.51 3.90
C THR A 110 6.54 -31.07 3.49
N ALA A 111 5.69 -30.39 4.25
CA ALA A 111 5.40 -28.99 4.02
C ALA A 111 6.69 -28.18 4.10
N CYS A 112 7.55 -28.55 5.04
CA CYS A 112 8.79 -27.82 5.28
C CYS A 112 9.65 -27.83 4.02
N PHE A 113 9.78 -29.00 3.42
CA PHE A 113 10.54 -29.14 2.18
C PHE A 113 10.10 -28.13 1.11
N TYR A 114 8.81 -28.16 0.76
CA TYR A 114 8.29 -27.30 -0.30
C TYR A 114 8.36 -25.82 0.06
N LEU A 115 8.14 -25.49 1.32
CA LEU A 115 8.13 -24.10 1.74
C LEU A 115 9.53 -23.55 1.64
N ALA A 116 10.51 -24.40 1.93
CA ALA A 116 11.91 -24.02 1.87
C ALA A 116 12.31 -23.74 0.43
N GLU A 117 12.01 -24.66 -0.47
CA GLU A 117 12.35 -24.43 -1.87
C GLU A 117 11.68 -23.14 -2.36
N ILE A 118 10.40 -22.98 -2.05
CA ILE A 118 9.64 -21.79 -2.45
C ILE A 118 10.27 -20.54 -1.83
N SER A 119 10.83 -20.67 -0.63
CA SER A 119 11.42 -19.51 0.03
C SER A 119 12.67 -19.06 -0.71
N MET A 120 13.43 -19.99 -1.27
CA MET A 120 14.64 -19.68 -1.99
C MET A 120 14.31 -18.98 -3.28
N ALA A 121 13.18 -19.31 -3.85
CA ALA A 121 12.81 -18.77 -5.13
C ALA A 121 12.27 -17.38 -4.99
N LEU A 122 11.56 -17.14 -3.92
CA LEU A 122 11.08 -15.83 -3.60
C LEU A 122 12.20 -14.90 -3.26
N GLY A 123 13.13 -15.40 -2.49
CA GLY A 123 14.28 -14.66 -2.12
C GLY A 123 15.11 -14.20 -3.28
N HIS A 124 15.26 -15.08 -4.26
CA HIS A 124 15.93 -14.75 -5.50
C HIS A 124 15.18 -13.68 -6.28
N LEU A 125 13.87 -13.89 -6.44
CA LEU A 125 13.01 -12.94 -7.15
C LEU A 125 13.07 -11.56 -6.51
N HIS A 126 13.12 -11.54 -5.19
CA HIS A 126 13.11 -10.30 -4.44
C HIS A 126 14.41 -9.55 -4.70
N GLN A 127 15.52 -10.28 -4.69
CA GLN A 127 16.82 -9.71 -4.97
C GLN A 127 16.80 -9.13 -6.38
N LYS A 128 16.11 -9.83 -7.28
CA LYS A 128 15.96 -9.36 -8.65
C LYS A 128 14.97 -8.20 -8.76
N GLY A 129 14.40 -7.78 -7.63
CA GLY A 129 13.49 -6.64 -7.61
C GLY A 129 12.05 -6.95 -7.97
N ILE A 130 11.67 -8.22 -7.91
CA ILE A 130 10.34 -8.63 -8.37
C ILE A 130 9.50 -9.27 -7.27
N ILE A 131 8.26 -8.85 -7.14
CA ILE A 131 7.36 -9.50 -6.24
C ILE A 131 6.21 -10.17 -6.93
N TYR A 132 5.90 -11.35 -6.50
CA TYR A 132 4.75 -12.08 -7.00
C TYR A 132 3.39 -11.40 -6.85
N ARG A 133 3.05 -11.05 -5.63
CA ARG A 133 1.81 -10.39 -5.29
C ARG A 133 0.60 -11.28 -5.21
N ASP A 134 0.63 -12.39 -5.90
CA ASP A 134 -0.53 -13.23 -5.90
C ASP A 134 -0.17 -14.69 -5.96
N LEU A 135 0.76 -15.09 -5.12
CA LEU A 135 1.23 -16.47 -5.11
C LEU A 135 0.25 -17.35 -4.44
N LYS A 136 -0.22 -18.33 -5.19
CA LYS A 136 -1.28 -19.22 -4.80
C LYS A 136 -0.85 -20.62 -5.11
N PRO A 137 -1.61 -21.62 -4.68
CA PRO A 137 -1.23 -23.02 -4.87
C PRO A 137 -1.23 -23.49 -6.32
N GLU A 138 -1.84 -22.71 -7.22
CA GLU A 138 -1.86 -23.06 -8.62
C GLU A 138 -0.57 -22.69 -9.26
N ASN A 139 0.15 -21.81 -8.62
CA ASN A 139 1.39 -21.31 -9.16
C ASN A 139 2.54 -22.22 -8.85
N ILE A 140 2.32 -23.19 -7.97
CA ILE A 140 3.39 -24.06 -7.54
C ILE A 140 3.40 -25.35 -8.36
N MET A 141 4.14 -25.32 -9.47
CA MET A 141 4.31 -26.51 -10.30
C MET A 141 5.48 -27.30 -9.78
N LEU A 142 5.51 -28.58 -10.14
CA LEU A 142 6.63 -29.45 -9.82
C LEU A 142 7.26 -29.91 -11.12
N ASN A 143 8.55 -30.14 -11.12
CA ASN A 143 9.21 -30.64 -12.31
C ASN A 143 9.27 -32.16 -12.23
N HIS A 144 9.89 -32.79 -13.23
CA HIS A 144 9.83 -34.25 -13.36
C HIS A 144 10.27 -34.99 -12.10
N GLN A 145 11.09 -34.36 -11.28
CA GLN A 145 11.67 -35.01 -10.11
C GLN A 145 10.98 -34.64 -8.79
N GLY A 146 10.06 -33.67 -8.84
CA GLY A 146 9.31 -33.30 -7.66
C GLY A 146 9.84 -32.08 -6.92
N HIS A 147 10.66 -31.28 -7.59
CA HIS A 147 11.12 -30.04 -7.00
C HIS A 147 10.24 -28.89 -7.46
N VAL A 148 10.11 -27.88 -6.59
CA VAL A 148 9.26 -26.73 -6.84
C VAL A 148 9.68 -25.93 -8.06
N LYS A 149 8.70 -25.41 -8.75
CA LYS A 149 8.93 -24.54 -9.86
C LYS A 149 7.90 -23.45 -9.88
N LEU A 150 8.35 -22.23 -9.71
CA LEU A 150 7.47 -21.10 -9.73
C LEU A 150 7.29 -20.62 -11.13
N THR A 151 6.08 -20.24 -11.46
CA THR A 151 5.59 -20.31 -12.80
C THR A 151 4.88 -19.11 -13.52
N ASP A 152 3.71 -18.62 -13.11
CA ASP A 152 3.02 -17.57 -13.88
C ASP A 152 3.42 -16.13 -13.52
N PHE A 153 3.49 -15.22 -14.52
CA PHE A 153 3.70 -13.75 -14.32
C PHE A 153 2.64 -12.87 -15.04
N GLY A 154 2.61 -11.54 -14.85
CA GLY A 154 1.58 -10.69 -15.43
C GLY A 154 0.91 -9.87 -14.36
N LEU A 155 0.55 -10.51 -13.26
CA LEU A 155 0.16 -9.85 -12.07
C LEU A 155 1.30 -9.57 -11.09
N CYS A 156 2.47 -9.25 -11.60
CA CYS A 156 3.60 -9.10 -10.78
C CYS A 156 4.36 -7.83 -11.03
N LYS A 157 4.96 -7.27 -9.99
CA LYS A 157 5.46 -5.91 -10.04
C LYS A 157 6.91 -5.63 -9.85
N GLU A 158 7.26 -4.36 -10.03
CA GLU A 158 8.62 -3.87 -9.90
C GLU A 158 9.60 -4.68 -10.74
N GLY A 171 9.00 16.19 1.83
CA GLY A 171 8.69 16.87 3.08
C GLY A 171 8.54 15.93 4.27
N THR A 172 8.06 16.51 5.37
CA THR A 172 7.81 15.80 6.63
C THR A 172 6.90 14.59 6.53
N ILE A 173 6.96 13.75 7.56
CA ILE A 173 6.33 12.43 7.54
C ILE A 173 5.71 12.05 8.87
N GLU A 174 5.86 12.90 9.85
CA GLU A 174 5.37 12.63 11.17
C GLU A 174 3.87 12.49 11.22
N TYR A 175 3.22 12.88 10.15
CA TYR A 175 1.77 12.88 10.09
C TYR A 175 1.27 11.91 9.03
N MET A 176 2.20 11.23 8.37
CA MET A 176 1.86 10.34 7.27
C MET A 176 1.60 8.92 7.75
N ALA A 177 0.59 8.28 7.16
CA ALA A 177 0.19 6.94 7.56
C ALA A 177 1.29 5.94 7.29
N PRO A 178 1.45 4.95 8.18
CA PRO A 178 2.49 3.92 8.06
C PRO A 178 2.48 3.22 6.71
N GLU A 179 1.29 2.91 6.21
CA GLU A 179 1.16 2.16 4.97
C GLU A 179 1.81 2.89 3.79
N ILE A 180 1.84 4.22 3.85
CA ILE A 180 2.49 5.02 2.81
C ILE A 180 4.01 4.95 2.94
N LEU A 181 4.51 5.18 4.16
CA LEU A 181 5.95 5.18 4.41
C LEU A 181 6.57 3.82 4.13
N MET A 182 5.79 2.79 3.96
CA MET A 182 6.46 1.58 3.64
C MET A 182 6.03 0.96 2.36
N ARG A 183 5.24 1.67 1.59
CA ARG A 183 4.85 1.18 0.27
C ARG A 183 4.03 -0.09 0.40
N SER A 184 3.11 -0.08 1.37
CA SER A 184 2.27 -1.23 1.65
C SER A 184 1.57 -1.70 0.39
N GLY A 185 1.47 -3.01 0.23
CA GLY A 185 0.85 -3.60 -0.95
C GLY A 185 1.84 -3.65 -2.10
N HIS A 186 2.99 -3.13 -1.82
CA HIS A 186 3.99 -3.00 -2.80
C HIS A 186 5.39 -3.26 -2.42
N ASN A 187 5.57 -4.15 -1.48
CA ASN A 187 6.88 -4.51 -0.96
C ASN A 187 6.97 -6.00 -0.80
N ARG A 188 8.19 -6.47 -0.52
CA ARG A 188 8.46 -7.89 -0.43
C ARG A 188 7.53 -8.60 0.54
N ALA A 189 7.08 -7.89 1.57
CA ALA A 189 6.30 -8.51 2.64
C ALA A 189 5.03 -9.21 2.13
N VAL A 190 4.42 -8.70 1.06
CA VAL A 190 3.19 -9.32 0.57
C VAL A 190 3.39 -10.79 0.23
N ASP A 191 4.60 -11.15 -0.19
CA ASP A 191 4.87 -12.53 -0.58
C ASP A 191 5.04 -13.44 0.62
N TRP A 192 5.44 -12.89 1.76
CA TRP A 192 5.71 -13.73 2.92
C TRP A 192 4.37 -14.03 3.61
N TRP A 193 3.42 -13.10 3.50
CA TRP A 193 2.05 -13.40 3.89
C TRP A 193 1.56 -14.60 3.10
N SER A 194 1.63 -14.51 1.77
CA SER A 194 1.20 -15.60 0.90
C SER A 194 1.87 -16.92 1.27
N LEU A 195 3.19 -16.90 1.43
CA LEU A 195 3.88 -18.10 1.88
C LEU A 195 3.22 -18.58 3.16
N GLY A 196 2.86 -17.68 4.05
CA GLY A 196 2.07 -18.01 5.20
C GLY A 196 0.72 -18.65 5.02
N ALA A 197 -0.12 -18.08 4.19
CA ALA A 197 -1.41 -18.64 3.86
C ALA A 197 -1.31 -20.03 3.29
N LEU A 198 -0.18 -20.31 2.74
CA LEU A 198 0.07 -21.47 1.95
C LEU A 198 0.65 -22.55 2.81
N MET A 199 1.41 -22.16 3.80
CA MET A 199 1.81 -23.05 4.86
C MET A 199 0.59 -23.54 5.60
N TYR A 200 -0.26 -22.62 5.97
CA TYR A 200 -1.49 -22.90 6.67
C TYR A 200 -2.32 -23.94 5.93
N ASP A 201 -2.52 -23.71 4.64
CA ASP A 201 -3.28 -24.64 3.79
C ASP A 201 -2.62 -26.02 3.78
N MET A 202 -1.30 -26.06 3.64
CA MET A 202 -0.57 -27.33 3.62
C MET A 202 -0.79 -28.13 4.89
N LEU A 203 -0.75 -27.44 6.03
CA LEU A 203 -0.77 -28.10 7.33
C LEU A 203 -2.17 -28.40 7.88
N THR A 204 -3.20 -27.79 7.31
CA THR A 204 -4.56 -27.92 7.82
C THR A 204 -5.59 -28.34 6.77
N GLY A 205 -5.25 -28.18 5.50
CA GLY A 205 -6.16 -28.55 4.44
C GLY A 205 -7.02 -27.41 3.90
N ALA A 206 -6.93 -26.24 4.54
CA ALA A 206 -7.70 -25.09 4.09
C ALA A 206 -6.92 -23.78 4.28
N PRO A 207 -7.28 -22.75 3.51
CA PRO A 207 -6.66 -21.43 3.72
C PRO A 207 -7.13 -20.79 5.02
N PRO A 208 -6.41 -19.82 5.52
CA PRO A 208 -6.65 -19.24 6.83
C PRO A 208 -7.92 -18.46 7.00
N PHE A 209 -8.37 -17.81 5.96
CA PHE A 209 -9.56 -17.05 6.00
C PHE A 209 -10.38 -17.31 4.80
N THR A 210 -11.54 -17.89 4.99
CA THR A 210 -12.45 -18.06 3.88
C THR A 210 -13.87 -17.98 4.31
N GLY A 211 -14.67 -17.36 3.48
CA GLY A 211 -16.06 -17.19 3.80
C GLY A 211 -17.02 -17.80 2.81
N GLU A 212 -18.30 -17.64 3.09
CA GLU A 212 -19.31 -18.17 2.24
C GLU A 212 -19.25 -17.52 0.93
N ASN A 213 -18.63 -16.39 0.95
CA ASN A 213 -18.65 -15.53 -0.21
C ASN A 213 -17.33 -14.77 -0.39
N ARG A 214 -17.14 -14.24 -1.59
CA ARG A 214 -15.92 -13.51 -1.92
C ARG A 214 -15.71 -12.34 -0.98
N LYS A 215 -16.76 -11.55 -0.78
CA LYS A 215 -16.69 -10.40 0.11
C LYS A 215 -16.43 -10.85 1.55
N LYS A 216 -17.28 -11.74 2.04
CA LYS A 216 -17.15 -12.25 3.40
C LYS A 216 -15.75 -12.84 3.59
N THR A 217 -15.11 -13.19 2.47
CA THR A 217 -13.77 -13.75 2.51
C THR A 217 -12.69 -12.68 2.65
N ILE A 218 -12.74 -11.67 1.80
CA ILE A 218 -11.74 -10.63 1.87
C ILE A 218 -11.83 -9.90 3.19
N ASP A 219 -13.04 -9.90 3.75
CA ASP A 219 -13.31 -9.21 5.00
C ASP A 219 -12.75 -9.96 6.17
N LYS A 220 -12.66 -11.27 6.06
CA LYS A 220 -12.03 -12.08 7.08
C LYS A 220 -10.52 -11.92 6.97
N ILE A 221 -10.04 -11.75 5.75
CA ILE A 221 -8.62 -11.53 5.53
C ILE A 221 -8.19 -10.19 6.14
N LEU A 222 -9.04 -9.19 5.98
CA LEU A 222 -8.73 -7.84 6.40
C LEU A 222 -8.75 -7.66 7.90
N LYS A 223 -9.70 -8.30 8.56
CA LYS A 223 -9.97 -7.99 9.94
C LYS A 223 -9.98 -9.18 10.87
N CYS A 224 -10.23 -10.36 10.33
CA CYS A 224 -10.44 -11.54 11.15
C CYS A 224 -9.19 -12.06 11.86
N LYS A 225 -9.41 -12.70 13.00
CA LYS A 225 -8.33 -13.27 13.79
C LYS A 225 -7.95 -14.66 13.33
N LEU A 226 -6.64 -14.86 13.27
CA LEU A 226 -6.07 -16.14 12.88
C LEU A 226 -6.37 -17.22 13.90
N ASN A 227 -6.89 -18.34 13.42
CA ASN A 227 -7.13 -19.50 14.26
C ASN A 227 -6.23 -20.65 13.88
N LEU A 228 -5.30 -20.99 14.75
CA LEU A 228 -4.38 -22.08 14.51
C LEU A 228 -4.86 -23.36 15.22
N PRO A 229 -4.88 -24.48 14.49
CA PRO A 229 -5.26 -25.73 15.14
C PRO A 229 -4.22 -26.12 16.19
N PRO A 230 -4.65 -26.78 17.27
CA PRO A 230 -3.76 -27.00 18.42
C PRO A 230 -2.67 -28.05 18.19
N TYR A 231 -2.79 -28.82 17.12
CA TYR A 231 -1.87 -29.94 16.84
C TYR A 231 -0.61 -29.53 16.06
N LEU A 232 -0.38 -28.24 15.88
CA LEU A 232 0.83 -27.76 15.23
C LEU A 232 1.96 -27.73 16.24
N THR A 233 3.17 -28.03 15.80
CA THR A 233 4.33 -27.88 16.66
C THR A 233 4.37 -26.42 17.07
N GLN A 234 5.18 -26.09 18.06
CA GLN A 234 5.27 -24.70 18.48
C GLN A 234 6.01 -23.89 17.44
N GLU A 235 6.92 -24.56 16.73
CA GLU A 235 7.75 -23.92 15.73
C GLU A 235 6.92 -23.51 14.52
N ALA A 236 6.07 -24.43 14.07
CA ALA A 236 5.17 -24.17 12.96
C ALA A 236 4.18 -23.08 13.31
N ARG A 237 3.64 -23.15 14.53
CA ARG A 237 2.64 -22.19 14.98
C ARG A 237 3.23 -20.79 15.11
N ASP A 238 4.47 -20.73 15.57
CA ASP A 238 5.16 -19.45 15.72
C ASP A 238 5.46 -18.83 14.36
N LEU A 239 5.91 -19.66 13.42
CA LEU A 239 6.22 -19.19 12.08
C LEU A 239 4.95 -18.69 11.39
N LEU A 240 3.88 -19.45 11.50
CA LEU A 240 2.61 -19.06 10.92
C LEU A 240 2.10 -17.74 11.45
N LYS A 241 2.31 -17.51 12.74
CA LYS A 241 1.91 -16.27 13.37
C LYS A 241 2.76 -15.10 12.89
N LYS A 242 4.03 -15.34 12.64
CA LYS A 242 4.93 -14.29 12.21
C LYS A 242 4.78 -13.99 10.72
N LEU A 243 4.36 -14.97 9.93
CA LEU A 243 4.17 -14.74 8.51
C LEU A 243 2.80 -14.11 8.25
N LEU A 244 1.80 -14.58 9.00
CA LEU A 244 0.43 -14.13 8.83
C LEU A 244 0.12 -13.00 9.80
N LYS A 245 1.01 -12.00 9.79
CA LYS A 245 0.88 -10.81 10.61
C LYS A 245 0.39 -9.66 9.73
N ARG A 246 -0.65 -8.96 10.17
CA ARG A 246 -1.26 -7.92 9.34
C ARG A 246 -0.38 -6.69 9.21
N ASN A 247 0.32 -6.35 10.28
CA ASN A 247 1.32 -5.30 10.21
C ASN A 247 2.46 -5.75 9.31
N ALA A 248 2.45 -5.27 8.07
CA ALA A 248 3.44 -5.69 7.08
C ALA A 248 4.87 -5.39 7.51
N ALA A 249 5.08 -4.34 8.31
CA ALA A 249 6.43 -3.96 8.72
C ALA A 249 7.07 -4.95 9.70
N SER A 250 6.23 -5.68 10.44
CA SER A 250 6.71 -6.60 11.47
C SER A 250 6.66 -8.04 11.01
N ARG A 251 6.08 -8.26 9.84
CA ARG A 251 5.96 -9.60 9.27
C ARG A 251 7.34 -10.21 9.02
N LEU A 252 7.51 -11.48 9.33
CA LEU A 252 8.77 -12.14 9.08
C LEU A 252 9.06 -12.10 7.59
N GLY A 253 10.25 -11.61 7.24
CA GLY A 253 10.68 -11.51 5.85
C GLY A 253 10.60 -10.08 5.33
N ALA A 254 9.93 -9.22 6.09
CA ALA A 254 9.75 -7.84 5.66
C ALA A 254 11.05 -7.05 5.77
N GLY A 255 11.94 -7.48 6.66
CA GLY A 255 13.18 -6.76 6.86
C GLY A 255 14.13 -6.95 5.69
N PRO A 256 15.27 -6.23 5.72
CA PRO A 256 16.27 -6.30 4.65
C PRO A 256 16.90 -7.69 4.53
N GLY A 257 16.71 -8.54 5.54
CA GLY A 257 17.20 -9.91 5.48
C GLY A 257 16.35 -10.77 4.55
N ASP A 258 15.17 -10.24 4.20
CA ASP A 258 14.24 -10.92 3.31
C ASP A 258 14.10 -12.40 3.66
N ALA A 259 14.27 -13.27 2.66
CA ALA A 259 14.07 -14.70 2.86
C ALA A 259 14.96 -15.24 3.97
N GLY A 260 16.11 -14.60 4.17
CA GLY A 260 16.99 -14.94 5.27
C GLY A 260 16.29 -14.96 6.61
N GLU A 261 15.46 -13.95 6.89
CA GLU A 261 14.73 -13.90 8.15
C GLU A 261 13.86 -15.14 8.30
N VAL A 262 13.34 -15.64 7.18
CA VAL A 262 12.37 -16.72 7.25
C VAL A 262 13.09 -18.05 7.37
N GLN A 263 14.12 -18.23 6.57
CA GLN A 263 14.86 -19.48 6.53
C GLN A 263 15.59 -19.75 7.83
N ALA A 264 15.85 -18.69 8.60
CA ALA A 264 16.53 -18.84 9.89
C ALA A 264 15.57 -19.28 11.00
N HIS A 265 14.28 -19.31 10.71
CA HIS A 265 13.30 -19.71 11.72
C HIS A 265 13.46 -21.19 12.08
N PRO A 266 13.33 -21.52 13.38
CA PRO A 266 13.50 -22.90 13.89
C PRO A 266 12.71 -23.97 13.12
N PHE A 267 11.54 -23.60 12.62
CA PHE A 267 10.76 -24.49 11.76
C PHE A 267 11.59 -25.10 10.63
N PHE A 268 12.55 -24.34 10.10
CA PHE A 268 13.42 -24.81 9.02
C PHE A 268 14.79 -25.33 9.49
N ARG A 269 14.92 -25.61 10.80
CA ARG A 269 16.22 -25.92 11.38
C ARG A 269 16.90 -27.14 10.78
N HIS A 270 16.13 -28.11 10.29
CA HIS A 270 16.69 -29.34 9.74
C HIS A 270 16.99 -29.23 8.25
N ILE A 271 16.94 -28.02 7.71
CA ILE A 271 17.16 -27.81 6.29
C ILE A 271 18.63 -27.51 6.00
N ASN A 272 19.21 -28.25 5.06
CA ASN A 272 20.52 -27.93 4.53
C ASN A 272 20.32 -27.14 3.25
N TRP A 273 20.60 -25.84 3.30
CA TRP A 273 20.22 -24.94 2.22
C TRP A 273 21.06 -25.17 0.97
N GLU A 274 22.31 -25.57 1.15
CA GLU A 274 23.16 -25.84 0.00
C GLU A 274 22.67 -27.08 -0.75
N GLU A 275 22.36 -28.14 -0.02
CA GLU A 275 21.84 -29.37 -0.61
C GLU A 275 20.47 -29.14 -1.25
N LEU A 276 19.67 -28.29 -0.61
CA LEU A 276 18.34 -28.01 -1.10
C LEU A 276 18.44 -27.33 -2.46
N LEU A 277 19.32 -26.33 -2.52
CA LEU A 277 19.51 -25.55 -3.72
C LEU A 277 20.10 -26.42 -4.83
N ALA A 278 20.83 -27.46 -4.43
CA ALA A 278 21.43 -28.40 -5.37
C ALA A 278 20.40 -29.43 -5.82
N ARG A 279 19.20 -29.35 -5.26
CA ARG A 279 18.16 -30.32 -5.52
C ARG A 279 18.68 -31.73 -5.20
N LYS A 280 19.40 -31.82 -4.10
CA LYS A 280 19.97 -33.05 -3.67
C LYS A 280 19.31 -33.52 -2.44
N VAL A 281 18.31 -32.78 -2.03
CA VAL A 281 17.37 -33.23 -1.00
C VAL A 281 16.24 -33.97 -1.69
N GLU A 282 15.82 -35.08 -1.16
CA GLU A 282 14.85 -35.88 -1.83
C GLU A 282 13.49 -35.44 -1.55
N PRO A 283 12.79 -35.08 -2.60
CA PRO A 283 11.41 -34.62 -2.38
C PRO A 283 10.54 -35.74 -1.83
N PRO A 284 9.61 -35.42 -0.93
CA PRO A 284 8.77 -36.41 -0.25
C PRO A 284 7.77 -37.08 -1.17
N PHE A 285 7.55 -36.52 -2.34
CA PHE A 285 6.70 -37.14 -3.32
C PHE A 285 7.36 -37.11 -4.66
N LYS A 286 7.44 -38.25 -5.32
CA LYS A 286 7.97 -38.30 -6.65
C LYS A 286 6.88 -38.65 -7.61
N PRO A 287 6.32 -37.65 -8.27
CA PRO A 287 5.30 -37.86 -9.27
C PRO A 287 5.53 -39.15 -10.07
N LYS B 1 -5.79 38.15 -21.80
CA LYS B 1 -6.42 38.82 -20.67
C LYS B 1 -5.47 38.87 -19.48
N ILE B 2 -5.36 37.75 -18.77
CA ILE B 2 -4.54 37.70 -17.57
C ILE B 2 -3.11 37.29 -17.88
N ARG B 3 -2.16 38.14 -17.50
CA ARG B 3 -0.77 37.86 -17.76
C ARG B 3 0.03 37.99 -16.46
N PRO B 4 1.22 37.41 -16.43
CA PRO B 4 2.06 37.51 -15.23
C PRO B 4 2.25 38.97 -14.80
N GLU B 5 2.11 39.89 -15.74
CA GLU B 5 2.37 41.30 -15.46
C GLU B 5 1.14 42.01 -14.93
N CYS B 6 0.06 41.27 -14.71
CA CYS B 6 -1.13 41.85 -14.11
C CYS B 6 -1.03 41.84 -12.59
N PHE B 7 0.05 41.28 -12.08
CA PHE B 7 0.25 41.22 -10.64
C PHE B 7 1.62 41.73 -10.22
N GLU B 8 1.70 42.36 -9.06
CA GLU B 8 2.97 42.73 -8.50
C GLU B 8 3.29 41.93 -7.26
N LEU B 9 4.56 41.58 -7.10
CA LEU B 9 5.03 40.77 -6.00
C LEU B 9 5.22 41.59 -4.74
N LEU B 10 4.53 41.17 -3.70
CA LEU B 10 4.64 41.79 -2.42
C LEU B 10 5.62 40.99 -1.57
N ARG B 11 5.43 39.69 -1.50
CA ARG B 11 6.35 38.83 -0.77
C ARG B 11 6.21 37.37 -1.08
N VAL B 12 7.18 36.59 -0.63
CA VAL B 12 7.10 35.16 -0.69
C VAL B 12 6.42 34.71 0.58
N LEU B 13 5.28 34.05 0.43
CA LEU B 13 4.50 33.61 1.57
C LEU B 13 5.09 32.32 2.10
N GLY B 14 5.62 31.53 1.20
CA GLY B 14 6.22 30.28 1.56
C GLY B 14 6.60 29.58 0.29
N LYS B 15 7.18 28.40 0.43
CA LYS B 15 7.49 27.53 -0.68
C LYS B 15 6.65 26.26 -0.79
N GLY B 16 6.01 26.07 -1.93
CA GLY B 16 5.33 24.82 -2.21
C GLY B 16 6.34 23.74 -2.52
N GLY B 17 5.86 22.58 -2.92
CA GLY B 17 6.74 21.48 -3.26
C GLY B 17 7.69 21.89 -4.37
N TYR B 18 7.14 22.47 -5.40
CA TYR B 18 7.91 22.78 -6.57
C TYR B 18 7.75 24.21 -7.04
N GLY B 19 8.19 25.14 -6.24
CA GLY B 19 8.14 26.53 -6.61
C GLY B 19 7.74 27.36 -5.42
N LYS B 20 7.13 28.49 -5.70
CA LYS B 20 6.88 29.47 -4.66
C LYS B 20 5.46 29.98 -4.70
N VAL B 21 5.00 30.45 -3.56
CA VAL B 21 3.72 31.12 -3.45
C VAL B 21 4.02 32.54 -3.05
N PHE B 22 3.67 33.49 -3.90
CA PHE B 22 3.87 34.90 -3.63
C PHE B 22 2.56 35.50 -3.15
N GLN B 23 2.64 36.42 -2.20
CA GLN B 23 1.58 37.39 -2.03
C GLN B 23 1.74 38.40 -3.16
N VAL B 24 0.65 38.67 -3.88
CA VAL B 24 0.66 39.59 -5.01
C VAL B 24 -0.48 40.58 -4.90
N ARG B 25 -0.33 41.70 -5.61
CA ARG B 25 -1.40 42.69 -5.76
C ARG B 25 -1.74 42.79 -7.23
N LYS B 26 -3.02 42.75 -7.57
CA LYS B 26 -3.44 42.86 -8.96
C LYS B 26 -3.44 44.32 -9.41
N VAL B 27 -2.83 44.58 -10.55
CA VAL B 27 -2.57 45.96 -11.00
C VAL B 27 -3.40 46.38 -12.20
N THR B 28 -4.01 45.42 -12.91
CA THR B 28 -4.87 45.73 -14.05
C THR B 28 -6.26 45.12 -13.85
N GLY B 29 -7.15 45.48 -14.77
CA GLY B 29 -8.46 44.90 -14.84
C GLY B 29 -9.30 45.14 -13.62
N ALA B 30 -10.28 44.28 -13.45
CA ALA B 30 -11.15 44.34 -12.29
C ALA B 30 -10.37 43.87 -11.10
N ASN B 31 -10.80 44.28 -9.92
CA ASN B 31 -10.15 43.86 -8.70
C ASN B 31 -8.72 44.34 -8.67
N THR B 32 -8.51 45.53 -9.21
CA THR B 32 -7.21 46.16 -9.20
C THR B 32 -6.98 46.66 -7.78
N GLY B 33 -5.85 46.30 -7.20
CA GLY B 33 -5.58 46.64 -5.83
C GLY B 33 -5.86 45.49 -4.90
N LYS B 34 -6.53 44.47 -5.41
CA LYS B 34 -6.91 43.34 -4.57
C LYS B 34 -5.74 42.39 -4.38
N ILE B 35 -5.61 41.86 -3.16
CA ILE B 35 -4.52 40.95 -2.84
C ILE B 35 -4.91 39.49 -3.10
N PHE B 36 -3.99 38.76 -3.72
CA PHE B 36 -4.18 37.34 -3.99
C PHE B 36 -2.91 36.58 -3.59
N ALA B 37 -2.97 35.26 -3.69
CA ALA B 37 -1.78 34.43 -3.58
C ALA B 37 -1.54 33.82 -4.94
N MET B 38 -0.28 33.61 -5.31
CA MET B 38 0.06 33.16 -6.65
C MET B 38 1.07 32.01 -6.57
N LYS B 39 0.67 30.83 -7.02
CA LYS B 39 1.53 29.68 -7.00
C LYS B 39 2.12 29.47 -8.38
N VAL B 40 3.44 29.34 -8.45
CA VAL B 40 4.13 29.26 -9.73
C VAL B 40 4.85 27.93 -9.87
N LEU B 41 4.66 27.33 -11.02
CA LEU B 41 5.36 26.11 -11.33
C LEU B 41 6.14 26.01 -12.61
N LYS B 42 7.30 25.38 -12.53
CA LYS B 42 8.07 25.08 -13.73
C LYS B 42 7.53 23.78 -14.34
N LYS B 43 8.26 23.19 -15.28
CA LYS B 43 7.86 21.93 -15.88
C LYS B 43 8.66 20.76 -15.28
N LYS B 67 -16.91 24.21 -5.12
CA LYS B 67 -16.71 25.30 -4.18
C LYS B 67 -17.21 24.97 -2.78
N HIS B 68 -16.31 25.00 -1.80
CA HIS B 68 -16.64 24.65 -0.43
C HIS B 68 -16.07 25.66 0.52
N PRO B 69 -16.76 25.91 1.63
CA PRO B 69 -16.26 26.92 2.59
C PRO B 69 -14.86 26.62 3.16
N PHE B 70 -14.51 25.36 3.27
CA PHE B 70 -13.23 24.98 3.88
C PHE B 70 -12.15 24.65 2.86
N ILE B 71 -12.41 24.95 1.59
CA ILE B 71 -11.38 24.80 0.56
C ILE B 71 -11.03 26.16 -0.03
N VAL B 72 -9.74 26.40 -0.23
CA VAL B 72 -9.28 27.65 -0.81
C VAL B 72 -9.72 27.74 -2.26
N ASP B 73 -10.15 28.94 -2.65
CA ASP B 73 -10.67 29.15 -4.00
C ASP B 73 -9.58 29.45 -5.03
N LEU B 74 -9.75 28.92 -6.22
CA LEU B 74 -8.95 29.29 -7.37
C LEU B 74 -9.71 30.39 -8.11
N ILE B 75 -8.99 31.42 -8.54
CA ILE B 75 -9.59 32.59 -9.15
C ILE B 75 -9.18 32.67 -10.61
N TYR B 76 -7.88 32.57 -10.85
CA TYR B 76 -7.31 32.63 -12.19
C TYR B 76 -6.29 31.52 -12.36
N ALA B 77 -6.15 31.04 -13.59
CA ALA B 77 -5.14 30.07 -13.91
C ALA B 77 -4.70 30.30 -15.34
N PHE B 78 -3.41 30.56 -15.53
CA PHE B 78 -2.89 30.79 -16.87
C PHE B 78 -1.50 30.19 -17.04
N GLN B 79 -1.23 29.71 -18.25
CA GLN B 79 0.04 29.09 -18.58
C GLN B 79 0.79 30.00 -19.54
N THR B 80 2.01 30.39 -19.17
CA THR B 80 2.82 31.24 -20.04
C THR B 80 4.30 30.92 -19.88
N GLY B 81 4.96 30.66 -20.99
CA GLY B 81 6.36 30.27 -20.98
C GLY B 81 6.47 28.80 -20.61
N GLY B 82 7.36 28.50 -19.68
CA GLY B 82 7.50 27.15 -19.18
C GLY B 82 6.90 27.03 -17.80
N LYS B 83 5.87 27.83 -17.52
CA LYS B 83 5.31 27.91 -16.19
C LYS B 83 3.81 28.06 -16.06
N LEU B 84 3.27 27.46 -15.01
CA LEU B 84 1.85 27.58 -14.68
C LEU B 84 1.67 28.53 -13.50
N TYR B 85 0.66 29.40 -13.60
CA TYR B 85 0.36 30.37 -12.57
C TYR B 85 -1.03 30.12 -12.02
N LEU B 86 -1.15 30.09 -10.70
CA LEU B 86 -2.44 29.87 -10.07
C LEU B 86 -2.73 30.97 -9.07
N ILE B 87 -3.72 31.78 -9.35
CA ILE B 87 -4.09 32.83 -8.46
C ILE B 87 -5.16 32.37 -7.53
N LEU B 88 -4.78 32.24 -6.27
CA LEU B 88 -5.70 31.76 -5.27
C LEU B 88 -6.11 32.92 -4.40
N GLU B 89 -7.23 32.76 -3.72
CA GLU B 89 -7.63 33.72 -2.73
C GLU B 89 -6.55 33.86 -1.65
N TYR B 90 -6.37 35.05 -1.15
CA TYR B 90 -5.42 35.30 -0.10
C TYR B 90 -6.06 35.14 1.26
N LEU B 91 -5.37 34.42 2.11
CA LEU B 91 -5.86 34.10 3.44
C LEU B 91 -5.01 34.80 4.49
N SER B 92 -5.57 35.83 5.12
CA SER B 92 -4.82 36.60 6.10
C SER B 92 -4.41 35.70 7.27
N GLY B 93 -5.16 34.63 7.50
CA GLY B 93 -4.84 33.68 8.55
C GLY B 93 -4.04 32.49 8.02
N GLY B 94 -3.51 32.63 6.81
CA GLY B 94 -2.83 31.54 6.14
C GLY B 94 -1.80 30.80 6.99
N GLU B 95 -1.26 31.49 7.96
CA GLU B 95 -0.17 31.01 8.76
C GLU B 95 -0.42 31.02 10.23
N LEU B 96 -1.58 31.47 10.60
CA LEU B 96 -1.94 31.58 11.99
C LEU B 96 -1.94 30.24 12.73
N PHE B 97 -2.36 29.16 12.04
CA PHE B 97 -2.51 27.86 12.69
C PHE B 97 -1.17 27.35 13.21
N MET B 98 -0.10 27.61 12.49
CA MET B 98 1.23 27.32 12.97
C MET B 98 1.65 28.10 14.18
N GLN B 99 1.17 29.32 14.32
CA GLN B 99 1.52 30.13 15.44
C GLN B 99 0.85 29.60 16.65
N LEU B 100 -0.36 29.14 16.48
CA LEU B 100 -1.08 28.56 17.58
C LEU B 100 -0.43 27.28 18.01
N GLU B 101 0.03 26.49 17.08
CA GLU B 101 0.67 25.22 17.45
C GLU B 101 2.03 25.42 18.12
N ARG B 102 2.77 26.46 17.71
CA ARG B 102 4.06 26.76 18.33
C ARG B 102 3.92 27.28 19.75
N GLU B 103 2.87 28.06 19.99
CA GLU B 103 2.60 28.61 21.32
C GLU B 103 1.86 27.59 22.20
N GLY B 104 1.55 26.43 21.63
CA GLY B 104 0.87 25.37 22.37
C GLY B 104 -0.41 25.82 23.04
N ILE B 105 -1.17 26.68 22.36
CA ILE B 105 -2.36 27.29 22.94
C ILE B 105 -3.56 26.34 22.97
N PHE B 106 -3.50 25.27 22.19
CA PHE B 106 -4.67 24.39 22.02
C PHE B 106 -5.04 23.62 23.28
N MET B 107 -6.33 23.58 23.55
CA MET B 107 -6.91 22.67 24.53
C MET B 107 -7.94 21.83 23.77
N GLU B 108 -8.57 20.86 24.43
CA GLU B 108 -9.46 19.95 23.74
C GLU B 108 -10.68 20.63 23.11
N ASP B 109 -11.29 21.57 23.82
CA ASP B 109 -12.50 22.21 23.30
C ASP B 109 -12.15 23.06 22.09
N THR B 110 -10.94 23.61 22.12
CA THR B 110 -10.45 24.50 21.08
C THR B 110 -9.90 23.72 19.87
N ALA B 111 -9.30 22.55 20.14
CA ALA B 111 -8.79 21.68 19.08
C ALA B 111 -9.94 21.02 18.34
N CYS B 112 -11.00 20.71 19.08
CA CYS B 112 -12.18 20.06 18.53
C CYS B 112 -12.75 20.85 17.36
N PHE B 113 -12.72 22.17 17.47
CA PHE B 113 -13.26 23.06 16.44
C PHE B 113 -12.55 22.86 15.10
N TYR B 114 -11.22 22.95 15.11
CA TYR B 114 -10.44 22.83 13.88
C TYR B 114 -10.52 21.42 13.32
N LEU B 115 -10.50 20.43 14.19
CA LEU B 115 -10.55 19.04 13.76
C LEU B 115 -11.89 18.75 13.09
N ALA B 116 -12.95 19.39 13.59
CA ALA B 116 -14.28 19.24 13.02
C ALA B 116 -14.34 19.81 11.60
N GLU B 117 -13.95 21.08 11.47
CA GLU B 117 -13.93 21.72 10.16
C GLU B 117 -13.05 20.95 9.16
N ILE B 118 -11.94 20.41 9.65
CA ILE B 118 -11.01 19.69 8.80
C ILE B 118 -11.62 18.37 8.36
N SER B 119 -12.39 17.74 9.25
CA SER B 119 -13.06 16.50 8.91
C SER B 119 -14.12 16.73 7.82
N MET B 120 -14.79 17.88 7.86
CA MET B 120 -15.74 18.21 6.81
C MET B 120 -15.03 18.45 5.48
N ALA B 121 -13.90 19.15 5.53
CA ALA B 121 -13.11 19.39 4.31
C ALA B 121 -12.64 18.07 3.69
N LEU B 122 -12.17 17.18 4.52
CA LEU B 122 -11.75 15.85 4.14
C LEU B 122 -12.85 14.96 3.62
N GLY B 123 -14.03 15.07 4.20
CA GLY B 123 -15.17 14.29 3.75
C GLY B 123 -15.58 14.71 2.36
N HIS B 124 -15.58 16.01 2.13
CA HIS B 124 -15.85 16.60 0.82
C HIS B 124 -14.83 16.19 -0.23
N LEU B 125 -13.55 16.24 0.14
CA LEU B 125 -12.48 15.86 -0.77
C LEU B 125 -12.55 14.38 -1.11
N HIS B 126 -12.98 13.57 -0.15
CA HIS B 126 -13.06 12.15 -0.39
C HIS B 126 -14.21 11.82 -1.31
N GLN B 127 -15.30 12.57 -1.22
CA GLN B 127 -16.41 12.40 -2.14
C GLN B 127 -15.99 12.72 -3.57
N LYS B 128 -15.09 13.69 -3.70
CA LYS B 128 -14.59 14.09 -5.01
C LYS B 128 -13.47 13.18 -5.46
N GLY B 129 -13.12 12.20 -4.66
CA GLY B 129 -12.11 11.24 -5.03
C GLY B 129 -10.70 11.74 -4.89
N ILE B 130 -10.48 12.60 -3.90
CA ILE B 130 -9.16 13.14 -3.66
C ILE B 130 -8.72 12.78 -2.26
N ILE B 131 -7.52 12.27 -2.11
CA ILE B 131 -6.95 12.10 -0.79
C ILE B 131 -5.76 13.00 -0.63
N TYR B 132 -5.59 13.55 0.55
CA TYR B 132 -4.58 14.56 0.84
C TYR B 132 -3.20 14.00 1.00
N ARG B 133 -3.08 12.96 1.80
CA ARG B 133 -1.82 12.31 2.09
C ARG B 133 -0.86 13.12 2.93
N ASP B 134 -0.72 14.39 2.65
CA ASP B 134 0.22 15.21 3.36
C ASP B 134 -0.44 16.16 4.32
N LEU B 135 -1.50 15.71 4.99
CA LEU B 135 -2.16 16.55 5.94
C LEU B 135 -1.28 16.70 7.13
N LYS B 136 -1.00 17.93 7.46
CA LYS B 136 -0.07 18.26 8.55
C LYS B 136 -0.28 19.72 8.91
N PRO B 137 0.20 20.14 10.10
CA PRO B 137 -0.07 21.51 10.54
C PRO B 137 0.34 22.59 9.52
N GLU B 138 1.47 22.38 8.84
CA GLU B 138 1.98 23.36 7.89
C GLU B 138 1.07 23.52 6.68
N ASN B 139 0.05 22.67 6.58
CA ASN B 139 -0.88 22.74 5.47
C ASN B 139 -2.25 23.23 5.89
N ILE B 140 -2.42 23.50 7.17
CA ILE B 140 -3.70 24.04 7.65
C ILE B 140 -3.66 25.57 7.60
N MET B 141 -4.39 26.14 6.65
CA MET B 141 -4.52 27.59 6.57
C MET B 141 -5.82 28.06 7.23
N LEU B 142 -5.88 29.33 7.58
CA LEU B 142 -7.08 29.89 8.18
C LEU B 142 -7.46 31.17 7.41
N ASN B 143 -8.76 31.42 7.28
CA ASN B 143 -9.21 32.61 6.57
C ASN B 143 -9.34 33.77 7.55
N HIS B 144 -9.69 34.94 7.05
CA HIS B 144 -9.73 36.16 7.85
C HIS B 144 -10.58 36.02 9.09
N GLN B 145 -11.59 35.15 9.03
CA GLN B 145 -12.48 34.93 10.17
C GLN B 145 -11.91 33.94 11.19
N GLY B 146 -10.94 33.14 10.76
CA GLY B 146 -10.38 32.11 11.61
C GLY B 146 -10.85 30.71 11.27
N HIS B 147 -11.54 30.55 10.15
CA HIS B 147 -12.03 29.24 9.71
C HIS B 147 -11.01 28.50 8.85
N VAL B 148 -11.09 27.18 8.87
CA VAL B 148 -10.13 26.32 8.18
C VAL B 148 -10.20 26.43 6.65
N LYS B 149 -9.02 26.36 6.03
CA LYS B 149 -8.88 26.33 4.58
C LYS B 149 -7.79 25.35 4.17
N LEU B 150 -8.18 24.41 3.31
CA LEU B 150 -7.25 23.48 2.68
C LEU B 150 -7.31 23.69 1.17
N THR B 151 -6.28 23.29 0.44
CA THR B 151 -6.38 23.24 -1.03
C THR B 151 -6.97 21.89 -1.42
N ASP B 152 -7.51 21.79 -2.63
CA ASP B 152 -7.99 20.51 -3.13
C ASP B 152 -7.06 19.96 -4.22
N PHE B 153 -5.80 20.41 -4.20
CA PHE B 153 -4.80 19.99 -5.16
C PHE B 153 -3.41 20.19 -4.57
N GLY B 154 -2.40 19.55 -5.15
CA GLY B 154 -1.05 19.68 -4.66
C GLY B 154 -0.15 18.53 -5.11
N LEU B 155 1.16 18.76 -5.01
CA LEU B 155 2.16 17.78 -5.41
C LEU B 155 1.92 16.39 -4.78
N CYS B 156 1.46 16.36 -3.54
CA CYS B 156 1.35 15.09 -2.83
C CYS B 156 -0.08 14.54 -2.79
N LYS B 157 -1.06 15.34 -3.20
CA LYS B 157 -2.43 14.87 -3.27
C LYS B 157 -2.50 13.74 -4.29
N GLU B 158 -3.59 12.99 -4.26
CA GLU B 158 -3.73 11.82 -5.10
C GLU B 158 -5.19 11.55 -5.42
N SER B 159 -5.44 10.83 -6.50
CA SER B 159 -6.80 10.56 -6.92
C SER B 159 -7.22 9.13 -6.62
N ILE B 160 -8.53 8.90 -6.65
CA ILE B 160 -9.08 7.57 -6.45
C ILE B 160 -10.40 7.44 -7.20
N THR B 172 -8.27 -16.27 -7.72
CA THR B 172 -8.61 -16.45 -6.32
C THR B 172 -7.77 -15.53 -5.42
N ILE B 173 -8.33 -15.16 -4.27
CA ILE B 173 -7.70 -14.16 -3.42
C ILE B 173 -7.45 -14.64 -2.00
N GLU B 174 -7.71 -15.90 -1.74
CA GLU B 174 -7.57 -16.46 -0.40
C GLU B 174 -6.13 -16.48 0.10
N TYR B 175 -5.17 -16.17 -0.76
CA TYR B 175 -3.78 -16.23 -0.38
C TYR B 175 -3.10 -14.89 -0.49
N MET B 176 -3.87 -13.88 -0.82
CA MET B 176 -3.35 -12.52 -0.97
C MET B 176 -3.32 -11.73 0.34
N ALA B 177 -2.32 -10.89 0.48
CA ALA B 177 -2.15 -10.08 1.67
C ALA B 177 -3.26 -9.03 1.77
N PRO B 178 -3.72 -8.77 3.00
CA PRO B 178 -4.77 -7.78 3.22
C PRO B 178 -4.44 -6.41 2.63
N GLU B 179 -3.17 -6.01 2.68
CA GLU B 179 -2.78 -4.70 2.18
C GLU B 179 -3.03 -4.60 0.67
N ILE B 180 -3.07 -5.73 -0.01
CA ILE B 180 -3.36 -5.75 -1.43
C ILE B 180 -4.87 -5.67 -1.66
N LEU B 181 -5.63 -6.41 -0.93
CA LEU B 181 -7.05 -6.40 -1.09
C LEU B 181 -7.64 -5.04 -0.81
N MET B 182 -6.86 -4.17 -0.21
CA MET B 182 -7.22 -2.79 -0.09
C MET B 182 -6.31 -2.00 -0.95
N ARG B 183 -6.74 -0.82 -1.29
CA ARG B 183 -5.89 0.12 -1.97
C ARG B 183 -4.95 0.77 -0.94
N SER B 184 -4.22 -0.04 -0.19
CA SER B 184 -3.39 0.47 0.89
C SER B 184 -2.49 1.63 0.51
N GLY B 185 -2.45 2.65 1.35
CA GLY B 185 -1.65 3.83 1.07
C GLY B 185 -2.19 4.62 -0.10
N HIS B 186 -3.37 4.23 -0.58
CA HIS B 186 -3.95 4.87 -1.71
C HIS B 186 -5.42 4.90 -1.54
N ASN B 187 -5.87 4.90 -0.30
CA ASN B 187 -7.28 5.03 0.01
C ASN B 187 -7.55 6.08 1.08
N ARG B 188 -8.83 6.33 1.32
CA ARG B 188 -9.28 7.36 2.26
C ARG B 188 -8.68 7.23 3.66
N ALA B 189 -8.41 5.99 4.07
CA ALA B 189 -7.91 5.74 5.42
C ALA B 189 -6.66 6.56 5.75
N VAL B 190 -5.81 6.81 4.76
CA VAL B 190 -4.53 7.46 5.04
C VAL B 190 -4.77 8.83 5.67
N ASP B 191 -5.87 9.49 5.31
CA ASP B 191 -6.11 10.84 5.79
C ASP B 191 -6.62 10.84 7.22
N TRP B 192 -7.25 9.74 7.63
CA TRP B 192 -7.85 9.71 8.96
C TRP B 192 -6.76 9.44 9.99
N TRP B 193 -5.72 8.73 9.56
CA TRP B 193 -4.53 8.57 10.39
C TRP B 193 -3.92 9.95 10.62
N SER B 194 -3.71 10.70 9.54
CA SER B 194 -3.12 12.04 9.63
C SER B 194 -3.94 12.94 10.55
N LEU B 195 -5.25 12.87 10.44
CA LEU B 195 -6.11 13.64 11.33
C LEU B 195 -5.80 13.25 12.77
N GLY B 196 -5.50 11.98 12.98
CA GLY B 196 -5.17 11.49 14.31
C GLY B 196 -3.82 12.02 14.78
N ALA B 197 -2.83 11.97 13.91
CA ALA B 197 -1.51 12.49 14.21
C ALA B 197 -1.63 13.98 14.55
N LEU B 198 -2.38 14.73 13.73
CA LEU B 198 -2.56 16.16 13.94
C LEU B 198 -3.24 16.43 15.27
N MET B 199 -4.28 15.66 15.58
CA MET B 199 -4.98 15.80 16.84
C MET B 199 -4.01 15.61 18.01
N TYR B 200 -3.27 14.51 17.96
CA TYR B 200 -2.28 14.20 18.96
C TYR B 200 -1.30 15.34 19.17
N ASP B 201 -0.78 15.88 18.07
CA ASP B 201 0.15 17.00 18.15
C ASP B 201 -0.47 18.25 18.78
N MET B 202 -1.73 18.52 18.46
CA MET B 202 -2.43 19.67 19.02
C MET B 202 -2.65 19.53 20.52
N LEU B 203 -2.89 18.32 20.98
CA LEU B 203 -3.23 18.10 22.38
C LEU B 203 -2.03 17.76 23.26
N THR B 204 -0.86 17.47 22.68
CA THR B 204 0.29 17.07 23.47
C THR B 204 1.53 17.93 23.24
N GLY B 205 1.54 18.68 22.14
CA GLY B 205 2.69 19.50 21.80
C GLY B 205 3.60 18.88 20.76
N ALA B 206 3.39 17.61 20.45
CA ALA B 206 4.23 16.91 19.49
C ALA B 206 3.48 15.76 18.82
N PRO B 207 3.92 15.38 17.61
CA PRO B 207 3.34 14.25 16.91
C PRO B 207 3.56 12.94 17.66
N PRO B 208 2.76 11.91 17.37
CA PRO B 208 2.75 10.68 18.17
C PRO B 208 4.04 9.88 18.12
N PHE B 209 4.78 9.90 17.02
CA PHE B 209 5.99 9.10 16.92
C PHE B 209 7.18 9.88 16.37
N THR B 210 8.14 10.21 17.23
CA THR B 210 9.30 10.96 16.80
C THR B 210 10.61 10.26 17.08
N GLY B 211 11.55 10.41 16.15
CA GLY B 211 12.88 9.87 16.29
C GLY B 211 13.91 10.95 16.14
N GLU B 212 15.18 10.61 16.27
CA GLU B 212 16.24 11.61 16.26
C GLU B 212 16.63 11.91 14.82
N ASN B 213 16.19 11.05 13.90
CA ASN B 213 16.40 11.26 12.48
C ASN B 213 15.27 10.63 11.69
N ARG B 214 15.21 10.90 10.39
CA ARG B 214 14.12 10.41 9.56
C ARG B 214 13.88 8.93 9.79
N LYS B 215 14.94 8.14 9.69
CA LYS B 215 14.83 6.68 9.72
C LYS B 215 14.18 6.16 11.00
N LYS B 216 14.57 6.73 12.13
CA LYS B 216 14.14 6.20 13.43
C LYS B 216 12.73 6.67 13.71
N THR B 217 12.34 7.78 13.09
CA THR B 217 10.98 8.29 13.18
C THR B 217 10.04 7.37 12.40
N ILE B 218 10.45 7.01 11.20
CA ILE B 218 9.67 6.12 10.34
C ILE B 218 9.44 4.80 11.05
N ASP B 219 10.52 4.22 11.56
CA ASP B 219 10.44 2.92 12.23
C ASP B 219 9.48 2.96 13.41
N LYS B 220 9.38 4.13 14.04
CA LYS B 220 8.49 4.28 15.18
C LYS B 220 7.04 4.41 14.69
N ILE B 221 6.87 5.07 13.57
CA ILE B 221 5.56 5.23 12.98
C ILE B 221 5.07 3.87 12.53
N LEU B 222 6.01 3.02 12.14
CA LEU B 222 5.67 1.72 11.58
C LEU B 222 5.36 0.70 12.67
N LYS B 223 6.09 0.83 13.75
CA LYS B 223 6.12 -0.20 14.69
C LYS B 223 5.73 0.09 16.11
N CYS B 224 5.96 1.29 16.56
CA CYS B 224 5.86 1.64 17.98
C CYS B 224 4.44 1.74 18.54
N LYS B 225 4.31 1.45 19.83
CA LYS B 225 3.01 1.50 20.49
C LYS B 225 2.66 2.94 20.84
N LEU B 226 1.39 3.28 20.68
CA LEU B 226 0.93 4.63 20.93
C LEU B 226 0.92 4.91 22.43
N ASN B 227 1.45 6.06 22.81
CA ASN B 227 1.43 6.49 24.20
C ASN B 227 0.44 7.65 24.39
N LEU B 228 -0.45 7.48 25.36
CA LEU B 228 -1.48 8.47 25.64
C LEU B 228 -1.29 9.09 27.02
N PRO B 229 -0.80 10.33 27.09
CA PRO B 229 -0.67 11.01 28.38
C PRO B 229 -1.94 10.93 29.21
N PRO B 230 -1.80 11.07 30.55
CA PRO B 230 -2.93 10.95 31.47
C PRO B 230 -3.97 12.08 31.37
N TYR B 231 -3.56 13.24 30.90
CA TYR B 231 -4.45 14.41 30.89
C TYR B 231 -5.50 14.41 29.76
N LEU B 232 -5.35 13.52 28.78
CA LEU B 232 -6.36 13.38 27.72
C LEU B 232 -7.66 12.83 28.28
N THR B 233 -8.77 13.43 27.91
CA THR B 233 -10.09 12.94 28.33
C THR B 233 -10.35 11.56 27.72
N GLN B 234 -11.36 10.92 28.24
CA GLN B 234 -11.72 9.60 27.82
C GLN B 234 -12.18 9.54 26.36
N GLU B 235 -12.80 10.62 25.91
CA GLU B 235 -13.26 10.75 24.52
C GLU B 235 -12.09 11.00 23.57
N ALA B 236 -11.19 11.90 23.97
CA ALA B 236 -10.00 12.18 23.18
C ALA B 236 -9.10 10.94 23.03
N ARG B 237 -8.97 10.17 24.10
CA ARG B 237 -8.14 8.97 24.09
C ARG B 237 -8.72 7.95 23.14
N ASP B 238 -10.02 7.70 23.27
CA ASP B 238 -10.71 6.73 22.43
C ASP B 238 -10.58 7.08 20.96
N LEU B 239 -10.77 8.36 20.64
CA LEU B 239 -10.75 8.80 19.25
C LEU B 239 -9.35 8.66 18.66
N LEU B 240 -8.35 9.11 19.39
CA LEU B 240 -6.95 9.02 18.96
C LEU B 240 -6.60 7.58 18.70
N LYS B 241 -7.12 6.72 19.57
CA LYS B 241 -6.92 5.29 19.48
C LYS B 241 -7.51 4.71 18.21
N LYS B 242 -8.70 5.15 17.87
CA LYS B 242 -9.35 4.64 16.67
C LYS B 242 -8.83 5.25 15.38
N LEU B 243 -8.24 6.44 15.44
CA LEU B 243 -7.68 7.07 14.26
C LEU B 243 -6.25 6.59 14.02
N LEU B 244 -5.51 6.40 15.10
CA LEU B 244 -4.11 6.01 15.03
C LEU B 244 -4.00 4.50 15.17
N LYS B 245 -4.74 3.82 14.29
CA LYS B 245 -4.79 2.38 14.24
C LYS B 245 -4.01 1.91 13.03
N ARG B 246 -3.04 1.05 13.23
CA ARG B 246 -2.17 0.64 12.14
C ARG B 246 -2.95 -0.15 11.10
N ASN B 247 -3.98 -0.87 11.50
CA ASN B 247 -4.80 -1.59 10.53
C ASN B 247 -5.77 -0.62 9.85
N ALA B 248 -5.45 -0.27 8.61
CA ALA B 248 -6.23 0.72 7.87
C ALA B 248 -7.69 0.33 7.67
N ALA B 249 -7.96 -0.97 7.56
CA ALA B 249 -9.33 -1.44 7.30
C ALA B 249 -10.28 -1.18 8.46
N SER B 250 -9.75 -1.09 9.68
CA SER B 250 -10.59 -0.88 10.85
C SER B 250 -10.34 0.47 11.51
N ARG B 251 -9.49 1.28 10.89
CA ARG B 251 -9.27 2.65 11.33
C ARG B 251 -10.55 3.46 11.14
N LEU B 252 -10.95 4.20 12.17
CA LEU B 252 -12.13 5.05 12.07
C LEU B 252 -12.05 5.91 10.82
N GLY B 253 -13.16 5.95 10.07
CA GLY B 253 -13.22 6.74 8.85
C GLY B 253 -12.90 5.94 7.61
N ALA B 254 -12.38 4.73 7.78
CA ALA B 254 -11.94 3.93 6.65
C ALA B 254 -13.13 3.32 5.95
N GLY B 255 -14.18 3.05 6.72
CA GLY B 255 -15.40 2.48 6.18
C GLY B 255 -16.10 3.42 5.21
N PRO B 256 -17.21 2.94 4.62
CA PRO B 256 -17.95 3.67 3.58
C PRO B 256 -18.58 4.96 4.07
N GLY B 257 -18.89 5.03 5.37
CA GLY B 257 -19.40 6.25 5.98
C GLY B 257 -18.36 7.37 6.07
N ASP B 258 -17.10 7.05 5.75
CA ASP B 258 -16.01 8.03 5.74
C ASP B 258 -16.09 9.01 6.95
N ALA B 259 -16.04 10.31 6.67
CA ALA B 259 -15.99 11.31 7.74
C ALA B 259 -17.17 11.19 8.70
N GLY B 260 -18.26 10.58 8.24
CA GLY B 260 -19.41 10.34 9.09
C GLY B 260 -19.08 9.47 10.30
N GLU B 261 -18.29 8.43 10.09
CA GLU B 261 -17.83 7.59 11.19
C GLU B 261 -17.11 8.45 12.25
N VAL B 262 -16.26 9.36 11.80
CA VAL B 262 -15.44 10.18 12.70
C VAL B 262 -16.24 11.27 13.41
N GLN B 263 -17.16 11.90 12.67
CA GLN B 263 -17.95 12.99 13.20
C GLN B 263 -18.94 12.52 14.24
N ALA B 264 -19.33 11.25 14.17
CA ALA B 264 -20.27 10.67 15.12
C ALA B 264 -19.59 10.33 16.44
N HIS B 265 -18.28 10.48 16.50
CA HIS B 265 -17.56 10.15 17.72
C HIS B 265 -17.87 11.16 18.83
N PRO B 266 -18.08 10.66 20.07
CA PRO B 266 -18.43 11.47 21.25
C PRO B 266 -17.54 12.69 21.45
N PHE B 267 -16.28 12.60 21.04
CA PHE B 267 -15.36 13.72 21.13
C PHE B 267 -15.94 14.94 20.42
N PHE B 268 -16.79 14.70 19.41
CA PHE B 268 -17.42 15.78 18.66
C PHE B 268 -18.89 15.99 19.05
N ARG B 269 -19.29 15.43 20.19
CA ARG B 269 -20.68 15.43 20.61
C ARG B 269 -21.33 16.83 20.67
N HIS B 270 -20.54 17.86 20.92
CA HIS B 270 -21.07 19.22 21.07
C HIS B 270 -21.09 20.00 19.76
N ILE B 271 -20.71 19.35 18.66
CA ILE B 271 -20.63 20.02 17.38
C ILE B 271 -21.96 19.98 16.66
N ASN B 272 -22.43 21.15 16.24
CA ASN B 272 -23.56 21.25 15.32
C ASN B 272 -23.02 21.37 13.90
N TRP B 273 -23.13 20.29 13.13
CA TRP B 273 -22.44 20.19 11.85
C TRP B 273 -22.98 21.14 10.80
N GLU B 274 -24.18 21.60 10.93
CA GLU B 274 -24.74 22.52 10.00
C GLU B 274 -24.36 23.91 10.23
N GLU B 275 -24.32 24.27 11.48
CA GLU B 275 -23.83 25.60 11.84
C GLU B 275 -22.33 25.70 11.57
N LEU B 276 -21.62 24.60 11.80
CA LEU B 276 -20.20 24.56 11.51
C LEU B 276 -19.98 24.76 10.01
N LEU B 277 -20.76 24.06 9.21
CA LEU B 277 -20.65 24.17 7.76
C LEU B 277 -21.02 25.57 7.28
N ALA B 278 -21.90 26.24 8.02
CA ALA B 278 -22.30 27.62 7.69
C ALA B 278 -21.31 28.65 8.24
N ARG B 279 -20.26 28.19 8.90
CA ARG B 279 -19.27 29.09 9.49
C ARG B 279 -19.92 30.09 10.44
N LYS B 280 -21.00 29.66 11.08
CA LYS B 280 -21.68 30.45 12.09
C LYS B 280 -21.25 29.99 13.47
N VAL B 281 -20.27 29.10 13.51
CA VAL B 281 -19.60 28.76 14.76
C VAL B 281 -18.39 29.67 14.90
N GLU B 282 -18.16 30.23 16.04
CA GLU B 282 -17.08 31.14 16.21
C GLU B 282 -15.77 30.54 16.45
N PRO B 283 -14.82 30.86 15.60
CA PRO B 283 -13.46 30.33 15.82
C PRO B 283 -12.87 30.86 17.12
N PRO B 284 -12.23 29.99 17.89
CA PRO B 284 -11.64 30.40 19.15
C PRO B 284 -10.53 31.40 18.97
N PHE B 285 -9.99 31.49 17.77
CA PHE B 285 -8.93 32.46 17.48
C PHE B 285 -9.15 33.04 16.10
N LYS B 286 -8.91 34.34 15.99
CA LYS B 286 -9.03 35.04 14.73
C LYS B 286 -7.75 35.80 14.48
N PRO B 287 -7.36 35.92 13.21
CA PRO B 287 -6.15 36.67 12.85
C PRO B 287 -6.39 38.17 12.94
N LEU B 288 -5.52 38.90 13.63
CA LEU B 288 -5.70 40.33 13.80
C LEU B 288 -4.38 41.08 13.64
C6 3T3 C . -4.38 -23.14 -15.13
S8 3T3 C . -2.79 -20.63 -19.30
C21 3T3 C . 1.22 -24.38 -16.78
C22 3T3 C . 0.17 -26.17 -16.45
C23 3T3 C . -0.70 -27.22 -16.16
C25 3T3 C . 0.96 -28.90 -16.71
O1 3T3 C . 4.84 -27.00 -17.99
O2 3T3 C . 5.72 -22.70 -18.25
O3 3T3 C . 1.32 -30.21 -16.84
C5 3T3 C . -0.35 -21.53 -13.29
C7 3T3 C . -4.10 -21.63 -14.97
C9 3T3 C . -2.31 -22.06 -18.38
S10 3T3 C . -0.02 -23.33 -13.68
C11 3T3 C . -2.54 -24.83 -13.32
N12 3T3 C . -1.94 -23.07 -17.66
S13 3T3 C . -3.05 -24.42 -15.02
S14 3T3 C . -2.40 -20.98 -15.30
C15 3T3 C . -1.50 -23.90 -12.72
C16 3T3 C . -1.70 -20.84 -13.60
N18 3T3 C . -0.02 -24.81 -16.39
N19 3T3 C . 5.52 -24.92 -18.20
N20 3T3 C . 0.52 -22.10 -16.55
C24 3T3 C . -0.32 -28.58 -16.30
C26 3T3 C . 1.87 -27.85 -17.01
C27 3T3 C . 1.44 -26.52 -16.86
C28 3T3 C . 2.13 -25.34 -17.09
C29 3T3 C . 3.44 -25.07 -17.51
C30 3T3 C . 4.58 -25.80 -17.89
C31 3T3 C . 5.05 -23.68 -18.03
C32 3T3 C . 3.74 -23.69 -17.61
C33 3T3 C . 2.78 -22.68 -17.29
C34 3T3 C . 3.13 -21.33 -17.39
C35 3T3 C . 2.12 -20.39 -17.05
C36 3T3 C . 0.82 -20.81 -16.62
C37 3T3 C . 1.51 -23.00 -16.86
F4 3T3 C . 2.44 -19.09 -17.15
RU 3T3 C . -1.12 -23.12 -15.94
C1 GOL D . 13.31 -31.91 4.45
O1 GOL D . 12.83 -32.80 3.47
C2 GOL D . 12.21 -31.54 5.42
O2 GOL D . 11.72 -32.68 6.08
C3 GOL D . 12.71 -30.50 6.44
O3 GOL D . 12.69 -30.99 7.77
H11 GOL D . 13.70 -31.01 3.97
H12 GOL D . 14.13 -32.38 4.99
HO1 GOL D . 13.54 -32.98 2.81
H2 GOL D . 11.39 -31.08 4.85
HO2 GOL D . 12.45 -33.07 6.61
H31 GOL D . 13.72 -30.22 6.18
H32 GOL D . 12.10 -29.61 6.38
HO3 GOL D . 12.91 -30.25 8.38
CL CL E . 10.55 -3.63 -0.02
CL CL F . 15.01 -31.26 16.88
CL CL G . 0.30 -24.94 18.35
S SO4 H . 3.64 -36.18 -19.62
O1 SO4 H . 3.13 -35.68 -20.91
O2 SO4 H . 4.99 -36.71 -19.76
O3 SO4 H . 3.65 -35.07 -18.66
O4 SO4 H . 2.76 -37.22 -19.12
O4 STU I . 2.95 29.44 2.27
C25 STU I . 2.48 30.10 3.46
C24 STU I . 2.22 29.15 4.63
C23 STU I . 2.77 27.77 4.38
C22 STU I . 2.14 27.25 3.11
C21 STU I . 2.43 28.16 1.90
C26 STU I . 3.53 27.55 1.03
N2 STU I . 1.19 28.31 1.09
C18 STU I . 0.31 29.34 1.24
C19 STU I . 0.33 30.51 2.17
C6 STU I . -0.76 31.49 2.13
C7 STU I . -1.85 31.27 1.14
C10 STU I . -1.90 30.14 0.20
C11 STU I . -0.78 29.15 0.27
C12 STU I . -0.45 27.92 -0.44
C17 STU I . 0.83 27.41 0.12
C16 STU I . 1.33 26.24 -0.43
C15 STU I . 0.63 25.60 -1.46
C14 STU I . -0.58 26.11 -1.96
C13 STU I . -1.13 27.28 -1.45
C9 STU I . -3.10 30.21 -0.63
N1 STU I . -3.76 31.45 -0.16
C8 STU I . -3.05 32.05 0.84
O5 STU I . -3.40 33.13 1.43
C5 STU I . -0.42 32.47 3.14
C20 STU I . 0.86 32.01 3.74
C1 STU I . 1.39 32.79 4.76
C2 STU I . 0.71 33.95 5.16
C3 STU I . -0.49 34.36 4.57
C4 STU I . -1.07 33.61 3.55
N3 STU I . 1.25 30.84 3.12
O6 STU I . 0.73 27.13 3.33
C27 STU I . 0.14 25.99 2.71
N4 STU I . 2.50 26.89 5.50
C28 STU I . 3.49 26.63 6.52
H25 STU I . 3.24 30.81 3.76
H241 STU I . 2.69 29.57 5.52
H242 STU I . 1.14 29.09 4.80
H23 STU I . 3.85 27.83 4.24
H22 STU I . 2.53 26.25 2.88
H261 STU I . 3.46 27.97 0.03
H262 STU I . 3.41 26.47 0.99
H263 STU I . 4.50 27.79 1.46
H16 STU I . 2.26 25.81 -0.07
H15 STU I . 1.02 24.69 -1.87
H14 STU I . -1.08 25.58 -2.76
H13 STU I . -2.06 27.67 -1.84
HN1 STU I . -4.60 31.80 -0.51
H1 STU I . 2.31 32.52 5.23
H2 STU I . 1.13 34.56 5.95
H3 STU I . -0.98 35.26 4.92
H4 STU I . -2.00 33.92 3.09
H271 STU I . -0.93 25.96 2.93
H272 STU I . 0.30 26.03 1.64
H273 STU I . 0.61 25.08 3.12
HN4 STU I . 1.59 26.44 5.56
H281 STU I . 3.08 25.95 7.26
H282 STU I . 4.38 26.20 6.07
H283 STU I . 3.76 27.57 6.99
C1 GOL J . -2.74 23.56 1.36
O1 GOL J . -3.31 23.30 2.62
C2 GOL J . -1.61 22.58 1.10
O2 GOL J . -2.13 21.29 0.90
C3 GOL J . -0.82 23.01 -0.14
O3 GOL J . -0.01 21.95 -0.60
H11 GOL J . -3.50 23.45 0.58
H12 GOL J . -2.36 24.58 1.32
HO1 GOL J . -4.00 23.98 2.81
H2 GOL J . -0.93 22.59 1.95
HO2 GOL J . -2.71 21.29 0.11
H31 GOL J . -1.52 23.30 -0.92
H32 GOL J . -0.20 23.87 0.10
HO3 GOL J . -0.56 21.28 -1.05
C1 GOL K . -13.80 16.63 24.99
O1 GOL K . -12.48 16.94 25.38
C2 GOL K . -14.12 17.43 23.74
O2 GOL K . -14.80 16.62 22.81
C3 GOL K . -14.98 18.64 24.08
O3 GOL K . -14.63 19.70 23.21
H11 GOL K . -13.88 15.56 24.78
H12 GOL K . -14.50 16.87 25.79
HO1 GOL K . -12.27 16.49 26.23
H2 GOL K . -13.19 17.78 23.31
HO2 GOL K . -15.65 16.33 23.19
H31 GOL K . -14.80 18.95 25.11
H32 GOL K . -16.03 18.39 23.97
HO3 GOL K . -14.49 19.34 22.31
CL CL L . -20.92 16.61 28.21
CL CL M . -11.29 4.17 -0.36
CL CL N . -3.62 47.28 -2.38
S SO4 O . 2.57 21.50 -3.01
O1 SO4 O . 3.08 22.00 -4.28
O2 SO4 O . 3.62 20.77 -2.33
O3 SO4 O . 2.13 22.61 -2.18
O4 SO4 O . 1.44 20.63 -3.30
S DMS P . -14.25 32.99 2.73
O DMS P . -12.80 33.38 2.87
C1 DMS P . -15.32 34.44 2.92
C2 DMS P . -14.60 32.52 1.01
H11 DMS P . -15.24 34.81 3.92
H12 DMS P . -16.33 34.16 2.73
H13 DMS P . -15.03 35.19 2.25
H21 DMS P . -14.30 33.31 0.36
H22 DMS P . -15.63 32.34 0.90
H23 DMS P . -14.06 31.65 0.76
#